data_4AXF
#
_entry.id   4AXF
#
_cell.length_a   61.620
_cell.length_b   65.080
_cell.length_c   122.490
_cell.angle_alpha   90.00
_cell.angle_beta   90.00
_cell.angle_gamma   90.00
#
_symmetry.space_group_name_H-M   'P 21 21 21'
#
loop_
_entity.id
_entity.type
_entity.pdbx_description
1 polymer 'INOSITOL-PENTAKISPHOSPHATE 2-KINASE'
2 non-polymer 'ZINC ION'
3 non-polymer 'PHOSPHOAMINOPHOSPHONIC ACID-ADENYLATE ESTER'
4 non-polymer 'Myo inositol 3,4,5,6 tetrakisphosphate'
#
_entity_poly.entity_id   1
_entity_poly.type   'polypeptide(L)'
_entity_poly.pdbx_seq_one_letter_code
;GEFELMEMILEEKDASDWIYRGEGGANLVLAYAGSSPLFVGKVIRIQKARRNDKAIKNSNGVVSVLTSDEQHLWRENNEL
ISSPNKEVLEQRYVQNVIIPLLGPKHVDAGVRVSVSKEFLECVDKKVTKQRPLWRVNAANVDTSHDSALILNDHSLFSQG
ITSGGDCISVEIKPKCGFLPTSRFIGKENMLKTSVSRFKMHQLLKLEYIEISEESEYDPLDLFSGSKERVLEAIKALYST
PQNNFRVFLNGSLILGGSGESTGRTSPEIGYAFEDALKGFIQSEDGHRTECFLQLVSDAVYGSGVLDRLLEIQKLDKLDI
EGAIHCYYDIINQPCPICREGRPLEAELSLHALPLDESLKIVKEYLIAATAKDCSIMISFQSRNAWDSEPSGDYVSLKPT
NQTFDYKVHFIDLSLKPLKRMESYYKLDKKIISFYNRKQKAENTAEQIGNSKPSHS
;
_entity_poly.pdbx_strand_id   A
#
# COMPACT_ATOMS: atom_id res chain seq x y z
N GLU A 7 -5.78 7.38 27.73
CA GLU A 7 -5.10 6.47 28.66
C GLU A 7 -5.78 5.11 28.75
N MET A 8 -4.97 4.07 28.53
CA MET A 8 -5.45 2.70 28.38
C MET A 8 -4.23 1.81 28.22
N ILE A 9 -4.19 0.72 28.98
CA ILE A 9 -3.16 -0.29 28.79
C ILE A 9 -3.85 -1.62 28.52
N LEU A 10 -3.61 -2.16 27.33
CA LEU A 10 -4.20 -3.43 26.96
C LEU A 10 -3.35 -4.58 27.51
N GLU A 11 -3.97 -5.41 28.35
CA GLU A 11 -3.31 -6.57 28.94
C GLU A 11 -3.69 -7.87 28.24
N GLU A 12 -3.09 -8.98 28.67
CA GLU A 12 -3.25 -10.29 28.03
C GLU A 12 -4.70 -10.74 27.81
N LYS A 13 -5.60 -10.34 28.71
CA LYS A 13 -7.02 -10.71 28.62
C LYS A 13 -7.72 -10.08 27.42
N ASP A 14 -7.28 -8.88 27.04
CA ASP A 14 -7.91 -8.11 25.97
C ASP A 14 -7.70 -8.72 24.59
N ALA A 15 -6.71 -9.60 24.48
CA ALA A 15 -6.37 -10.26 23.22
C ALA A 15 -7.52 -11.11 22.63
N SER A 16 -8.44 -11.52 23.50
CA SER A 16 -9.60 -12.32 23.10
C SER A 16 -10.62 -11.49 22.32
N ASP A 17 -10.53 -10.17 22.49
CA ASP A 17 -11.50 -9.24 21.90
C ASP A 17 -11.06 -8.67 20.54
N TRP A 18 -10.00 -9.23 19.98
CA TRP A 18 -9.52 -8.82 18.66
C TRP A 18 -9.41 -10.01 17.75
N ILE A 19 -9.87 -9.86 16.51
CA ILE A 19 -9.74 -10.91 15.49
C ILE A 19 -8.88 -10.46 14.32
N TYR A 20 -8.33 -11.43 13.61
CA TYR A 20 -7.51 -11.18 12.43
C TYR A 20 -8.28 -10.43 11.36
N ARG A 21 -7.60 -9.48 10.72
CA ARG A 21 -8.19 -8.70 9.65
C ARG A 21 -7.35 -8.85 8.38
N GLY A 22 -6.07 -8.53 8.52
CA GLY A 22 -5.12 -8.63 7.42
C GLY A 22 -3.73 -8.18 7.88
N GLU A 23 -2.80 -8.15 6.92
CA GLU A 23 -1.43 -7.71 7.18
C GLU A 23 -0.69 -7.43 5.89
N GLY A 24 0.41 -6.69 6.01
CA GLY A 24 1.36 -6.54 4.92
C GLY A 24 2.71 -7.06 5.40
N GLY A 25 3.77 -6.35 5.07
CA GLY A 25 5.12 -6.76 5.47
C GLY A 25 5.68 -6.00 6.66
N ALA A 26 4.91 -5.05 7.17
CA ALA A 26 5.37 -4.20 8.27
C ALA A 26 4.43 -4.22 9.47
N ASN A 27 3.13 -4.32 9.18
CA ASN A 27 2.10 -4.20 10.20
C ASN A 27 1.09 -5.35 10.16
N LEU A 28 0.66 -5.77 11.34
CA LEU A 28 -0.43 -6.70 11.49
C LEU A 28 -1.67 -5.91 11.94
N VAL A 29 -2.79 -6.12 11.26
CA VAL A 29 -4.01 -5.39 11.56
C VAL A 29 -5.11 -6.29 12.12
N LEU A 30 -5.72 -5.87 13.23
CA LEU A 30 -6.77 -6.63 13.89
C LEU A 30 -8.01 -5.79 14.15
N ALA A 31 -9.18 -6.30 13.76
CA ALA A 31 -10.45 -5.64 13.99
C ALA A 31 -11.02 -6.03 15.35
N TYR A 32 -11.78 -5.12 15.95
CA TYR A 32 -12.40 -5.38 17.24
C TYR A 32 -13.55 -6.38 17.15
N ALA A 33 -13.54 -7.35 18.06
CA ALA A 33 -14.58 -8.38 18.12
C ALA A 33 -15.11 -8.56 19.54
N GLY A 34 -14.95 -7.54 20.36
CA GLY A 34 -15.40 -7.58 21.76
C GLY A 34 -16.72 -6.85 21.94
N SER A 35 -16.79 -6.06 23.01
CA SER A 35 -18.01 -5.33 23.34
C SER A 35 -17.75 -3.99 24.03
N SER A 36 -16.47 -3.64 24.21
CA SER A 36 -16.09 -2.38 24.83
C SER A 36 -16.45 -1.20 23.93
N PRO A 37 -17.19 -0.23 24.48
CA PRO A 37 -17.68 0.92 23.72
C PRO A 37 -16.54 1.80 23.18
N LEU A 38 -15.38 1.74 23.81
CA LEU A 38 -14.24 2.56 23.44
C LEU A 38 -13.47 2.02 22.23
N PHE A 39 -13.68 0.75 21.91
CA PHE A 39 -12.93 0.08 20.83
C PHE A 39 -13.82 -0.43 19.69
N VAL A 40 -15.13 -0.33 19.85
CA VAL A 40 -16.07 -0.77 18.80
C VAL A 40 -15.98 0.15 17.58
N GLY A 41 -15.76 -0.47 16.42
CA GLY A 41 -15.61 0.23 15.15
C GLY A 41 -14.19 0.66 14.87
N LYS A 42 -13.23 0.05 15.56
CA LYS A 42 -11.82 0.42 15.43
C LYS A 42 -10.98 -0.77 14.94
N VAL A 43 -9.79 -0.44 14.42
CA VAL A 43 -8.79 -1.46 14.08
C VAL A 43 -7.46 -1.15 14.78
N ILE A 44 -6.68 -2.19 15.03
CA ILE A 44 -5.38 -2.01 15.67
C ILE A 44 -4.24 -2.36 14.71
N ARG A 45 -3.30 -1.42 14.58
CA ARG A 45 -2.18 -1.56 13.67
C ARG A 45 -0.90 -1.79 14.48
N ILE A 46 -0.47 -3.04 14.53
CA ILE A 46 0.69 -3.44 15.32
C ILE A 46 1.88 -3.73 14.40
N GLN A 47 3.00 -3.07 14.69
CA GLN A 47 4.23 -3.23 13.90
C GLN A 47 4.89 -4.57 14.16
N LYS A 48 5.45 -5.14 13.09
CA LYS A 48 6.09 -6.45 13.15
C LYS A 48 7.61 -6.35 13.18
N ALA A 49 8.24 -7.31 13.85
CA ALA A 49 9.68 -7.51 13.75
C ALA A 49 9.95 -8.58 12.71
N ARG A 50 10.94 -8.34 11.86
CA ARG A 50 11.34 -9.30 10.85
C ARG A 50 12.32 -10.32 11.43
N ARG A 51 12.61 -11.37 10.67
CA ARG A 51 13.58 -12.38 11.10
C ARG A 51 14.78 -12.37 10.15
N SER A 64 18.26 4.54 17.75
CA SER A 64 17.29 3.53 18.13
C SER A 64 16.04 3.58 17.24
N VAL A 65 15.52 4.80 17.05
CA VAL A 65 14.31 5.02 16.22
C VAL A 65 14.65 5.44 14.80
N LEU A 66 15.76 6.15 14.65
CA LEU A 66 16.26 6.60 13.37
C LEU A 66 17.77 6.50 13.37
N THR A 67 18.32 6.01 12.27
CA THR A 67 19.77 5.96 12.07
C THR A 67 20.32 7.37 11.91
N SER A 68 21.64 7.53 12.08
CA SER A 68 22.30 8.83 11.92
C SER A 68 21.90 9.49 10.61
N ASP A 69 21.98 8.73 9.51
CA ASP A 69 21.70 9.23 8.17
C ASP A 69 20.22 9.60 7.95
N GLU A 70 19.32 8.90 8.65
CA GLU A 70 17.91 9.21 8.61
C GLU A 70 17.62 10.53 9.33
N GLN A 71 18.37 10.80 10.39
CA GLN A 71 18.27 12.06 11.12
C GLN A 71 18.76 13.23 10.28
N HIS A 72 19.78 13.00 9.46
CA HIS A 72 20.30 13.99 8.53
C HIS A 72 19.29 14.29 7.44
N LEU A 73 18.65 13.23 6.93
CA LEU A 73 17.70 13.35 5.82
C LEU A 73 16.39 14.02 6.23
N TRP A 74 15.92 13.74 7.45
CA TRP A 74 14.65 14.29 7.94
C TRP A 74 14.87 15.42 8.92
N ARG A 75 15.97 16.15 8.77
CA ARG A 75 16.36 17.20 9.71
C ARG A 75 15.43 18.41 9.71
N GLU A 76 14.84 18.69 8.55
CA GLU A 76 13.94 19.84 8.38
C GLU A 76 12.66 19.65 9.20
N ASN A 77 12.29 18.40 9.43
CA ASN A 77 11.17 18.06 10.32
C ASN A 77 11.65 17.64 11.70
N ASN A 78 11.82 18.61 12.58
CA ASN A 78 12.42 18.36 13.89
C ASN A 78 11.56 17.53 14.84
N GLU A 79 10.24 17.72 14.76
CA GLU A 79 9.31 16.92 15.55
C GLU A 79 9.38 15.43 15.14
N LEU A 80 9.77 15.19 13.89
CA LEU A 80 9.94 13.84 13.36
C LEU A 80 11.16 13.14 13.96
N ILE A 81 12.30 13.82 13.98
CA ILE A 81 13.55 13.22 14.47
C ILE A 81 13.62 13.10 15.99
N SER A 82 12.66 13.68 16.69
CA SER A 82 12.61 13.62 18.15
C SER A 82 11.52 12.66 18.65
N SER A 83 11.02 11.81 17.76
CA SER A 83 10.03 10.78 18.09
C SER A 83 10.61 9.76 19.05
N PRO A 84 9.94 9.56 20.21
CA PRO A 84 10.44 8.61 21.23
C PRO A 84 10.47 7.16 20.75
N ASN A 85 9.40 6.72 20.09
CA ASN A 85 9.34 5.38 19.52
C ASN A 85 8.94 5.41 18.04
N LYS A 86 8.97 4.25 17.39
CA LYS A 86 8.68 4.14 15.95
C LYS A 86 7.19 4.30 15.58
N GLU A 87 6.31 4.14 16.58
CA GLU A 87 4.87 4.36 16.40
C GLU A 87 4.52 5.85 16.29
N VAL A 88 5.12 6.67 17.16
CA VAL A 88 4.96 8.13 17.10
C VAL A 88 5.57 8.68 15.81
N LEU A 89 6.70 8.09 15.42
CA LEU A 89 7.40 8.43 14.19
C LEU A 89 6.51 8.28 12.95
N GLU A 90 5.71 7.21 12.92
CA GLU A 90 4.76 6.97 11.84
C GLU A 90 3.60 7.96 11.89
N GLN A 91 3.17 8.27 13.11
CA GLN A 91 2.09 9.22 13.36
C GLN A 91 2.47 10.64 12.93
N ARG A 92 3.73 11.01 13.21
CA ARG A 92 4.25 12.34 12.87
C ARG A 92 4.72 12.44 11.42
N TYR A 93 5.01 11.31 10.80
CA TYR A 93 5.36 11.28 9.38
C TYR A 93 4.13 11.55 8.53
N VAL A 94 3.01 10.96 8.92
CA VAL A 94 1.76 11.09 8.18
C VAL A 94 1.19 12.51 8.31
N GLN A 95 1.23 13.06 9.53
CA GLN A 95 0.63 14.38 9.80
C GLN A 95 1.52 15.58 9.49
N ASN A 96 2.81 15.37 9.30
CA ASN A 96 3.74 16.46 9.00
C ASN A 96 4.37 16.44 7.61
N VAL A 97 4.40 15.27 6.99
CA VAL A 97 4.97 15.13 5.64
C VAL A 97 3.92 14.77 4.59
N ILE A 98 3.11 13.74 4.88
CA ILE A 98 2.18 13.19 3.88
C ILE A 98 0.89 14.00 3.72
N ILE A 99 0.34 14.47 4.83
CA ILE A 99 -0.88 15.28 4.78
C ILE A 99 -0.68 16.61 4.02
N PRO A 100 0.42 17.36 4.32
CA PRO A 100 0.73 18.56 3.54
C PRO A 100 0.87 18.31 2.03
N LEU A 101 0.82 17.05 1.63
CA LEU A 101 1.06 16.64 0.25
C LEU A 101 -0.19 15.98 -0.37
N LEU A 102 -0.87 15.14 0.41
CA LEU A 102 -2.11 14.47 -0.01
C LEU A 102 -3.37 15.26 0.34
N GLY A 103 -3.33 15.99 1.45
CA GLY A 103 -4.52 16.65 1.98
C GLY A 103 -5.05 15.88 3.18
N PRO A 104 -5.71 16.59 4.13
CA PRO A 104 -6.15 15.96 5.37
C PRO A 104 -7.49 15.24 5.29
N LYS A 105 -8.25 15.50 4.23
CA LYS A 105 -9.63 15.01 4.10
C LYS A 105 -9.78 13.49 4.16
N HIS A 106 -8.87 12.77 3.50
CA HIS A 106 -8.97 11.33 3.38
C HIS A 106 -7.89 10.57 4.10
N VAL A 107 -7.23 11.23 5.05
CA VAL A 107 -6.11 10.62 5.76
C VAL A 107 -6.35 10.61 7.28
N ASP A 108 -6.14 9.45 7.90
CA ASP A 108 -6.21 9.33 9.35
C ASP A 108 -4.86 8.90 9.90
N ALA A 109 -4.28 9.74 10.75
CA ALA A 109 -2.98 9.46 11.36
C ALA A 109 -3.12 8.48 12.53
N GLY A 110 -4.31 8.46 13.14
CA GLY A 110 -4.65 7.51 14.19
C GLY A 110 -4.22 7.92 15.58
N VAL A 111 -4.76 7.23 16.58
CA VAL A 111 -4.48 7.48 17.99
C VAL A 111 -3.63 6.35 18.58
N ARG A 112 -2.68 6.72 19.44
CA ARG A 112 -1.80 5.75 20.12
C ARG A 112 -2.49 5.08 21.32
N VAL A 113 -2.09 3.84 21.60
CA VAL A 113 -2.57 3.12 22.78
C VAL A 113 -1.46 2.27 23.40
N SER A 114 -1.36 2.28 24.72
CA SER A 114 -0.33 1.50 25.42
C SER A 114 -0.67 0.02 25.43
N VAL A 115 0.34 -0.81 25.18
CA VAL A 115 0.18 -2.27 25.16
C VAL A 115 1.23 -2.93 26.04
N SER A 116 0.95 -4.17 26.46
CA SER A 116 1.91 -4.94 27.25
C SER A 116 2.61 -5.97 26.38
N LYS A 117 3.76 -6.44 26.85
CA LYS A 117 4.50 -7.51 26.17
C LYS A 117 3.62 -8.76 26.01
N GLU A 118 2.78 -9.01 27.01
CA GLU A 118 1.89 -10.17 27.02
C GLU A 118 0.73 -10.04 26.03
N PHE A 119 0.09 -8.87 26.02
CA PHE A 119 -0.99 -8.60 25.08
C PHE A 119 -0.53 -8.87 23.65
N LEU A 120 0.64 -8.36 23.33
CA LEU A 120 1.23 -8.54 22.00
C LEU A 120 1.54 -10.01 21.70
N GLU A 121 2.04 -10.73 22.70
CA GLU A 121 2.34 -12.15 22.56
C GLU A 121 1.07 -12.99 22.36
N CYS A 122 0.07 -12.74 23.20
CA CYS A 122 -1.23 -13.40 23.10
C CYS A 122 -1.90 -13.12 21.75
N VAL A 123 -1.87 -11.86 21.33
CA VAL A 123 -2.38 -11.45 20.03
C VAL A 123 -1.65 -12.20 18.90
N ASP A 124 -0.32 -12.24 18.97
CA ASP A 124 0.50 -12.95 17.99
C ASP A 124 0.08 -14.41 17.86
N LYS A 125 -0.10 -15.07 19.00
CA LYS A 125 -0.53 -16.47 19.05
C LYS A 125 -1.99 -16.67 18.63
N LYS A 126 -2.85 -15.72 19.03
CA LYS A 126 -4.28 -15.76 18.73
C LYS A 126 -4.56 -15.89 17.23
N VAL A 127 -3.84 -15.12 16.41
CA VAL A 127 -4.12 -15.00 14.99
C VAL A 127 -3.25 -15.89 14.08
N THR A 128 -2.23 -16.52 14.65
CA THR A 128 -1.27 -17.36 13.92
C THR A 128 -1.94 -18.29 12.91
N LYS A 129 -2.98 -18.98 13.35
CA LYS A 129 -3.63 -20.01 12.55
C LYS A 129 -4.36 -19.41 11.35
N GLN A 130 -4.75 -18.14 11.48
CA GLN A 130 -5.48 -17.43 10.42
C GLN A 130 -4.54 -16.66 9.48
N ARG A 131 -3.24 -16.77 9.73
CA ARG A 131 -2.22 -16.10 8.92
C ARG A 131 -1.69 -17.01 7.81
N PRO A 132 -1.20 -16.42 6.69
CA PRO A 132 -0.52 -17.20 5.65
C PRO A 132 0.77 -17.85 6.15
N LEU A 133 1.05 -19.06 5.67
CA LEU A 133 2.20 -19.86 6.11
C LEU A 133 3.54 -19.12 5.99
N TRP A 134 3.74 -18.47 4.85
CA TRP A 134 4.99 -17.75 4.56
C TRP A 134 5.10 -16.45 5.34
N ARG A 135 3.96 -15.85 5.66
CA ARG A 135 3.93 -14.64 6.47
C ARG A 135 4.42 -14.95 7.89
N VAL A 136 3.98 -16.09 8.42
CA VAL A 136 4.43 -16.58 9.73
C VAL A 136 5.93 -16.84 9.74
N ASN A 137 6.46 -17.25 8.59
CA ASN A 137 7.89 -17.55 8.43
C ASN A 137 8.77 -16.31 8.45
N ALA A 138 8.38 -15.28 7.70
CA ALA A 138 9.20 -14.08 7.53
C ALA A 138 9.17 -13.14 8.73
N ALA A 139 8.00 -12.96 9.34
CA ALA A 139 7.82 -11.96 10.39
C ALA A 139 6.79 -12.36 11.45
N ASN A 140 7.03 -11.90 12.68
CA ASN A 140 6.06 -11.98 13.77
C ASN A 140 5.93 -10.58 14.38
N VAL A 141 4.97 -10.38 15.28
CA VAL A 141 4.78 -9.05 15.88
C VAL A 141 5.97 -8.66 16.74
N ASP A 142 6.34 -7.39 16.69
CA ASP A 142 7.42 -6.86 17.50
C ASP A 142 6.93 -6.66 18.93
N THR A 143 7.31 -7.58 19.81
CA THR A 143 6.84 -7.58 21.20
C THR A 143 7.73 -6.74 22.13
N SER A 144 8.50 -5.83 21.54
CA SER A 144 9.39 -4.95 22.29
C SER A 144 8.90 -3.49 22.26
N HIS A 145 7.78 -3.27 21.58
CA HIS A 145 7.14 -1.96 21.51
C HIS A 145 6.10 -1.85 22.58
N ASP A 146 6.02 -0.70 23.24
CA ASP A 146 5.03 -0.50 24.31
C ASP A 146 3.78 0.21 23.82
N SER A 147 3.66 0.37 22.50
CA SER A 147 2.58 1.13 21.90
C SER A 147 2.07 0.56 20.58
N ALA A 148 0.80 0.87 20.26
CA ALA A 148 0.18 0.45 19.00
C ALA A 148 -0.73 1.56 18.46
N LEU A 149 -1.07 1.47 17.17
CA LEU A 149 -1.94 2.45 16.53
C LEU A 149 -3.39 1.99 16.45
N ILE A 150 -4.31 2.87 16.84
CA ILE A 150 -5.73 2.64 16.67
C ILE A 150 -6.31 3.57 15.61
N LEU A 151 -6.77 2.96 14.52
CA LEU A 151 -7.40 3.67 13.42
C LEU A 151 -8.89 3.36 13.37
N ASN A 152 -9.64 4.19 12.65
CA ASN A 152 -11.04 3.91 12.37
C ASN A 152 -11.18 2.75 11.39
N ASP A 153 -12.06 1.81 11.72
CA ASP A 153 -12.35 0.67 10.86
C ASP A 153 -13.14 1.13 9.63
N HIS A 154 -12.43 1.29 8.51
CA HIS A 154 -13.02 1.88 7.31
C HIS A 154 -14.00 0.98 6.60
N SER A 155 -13.99 -0.32 6.92
CA SER A 155 -14.95 -1.28 6.38
C SER A 155 -16.35 -1.05 6.93
N LEU A 156 -16.43 -0.27 8.00
CA LEU A 156 -17.67 0.25 8.56
C LEU A 156 -17.81 1.70 8.08
N PHE A 157 -19.02 2.09 7.69
CA PHE A 157 -19.24 3.39 7.02
C PHE A 157 -18.99 4.59 7.93
N SER A 158 -19.27 4.42 9.21
CA SER A 158 -19.01 5.42 10.27
C SER A 158 -19.56 4.90 11.59
N GLN A 159 -19.30 5.64 12.68
CA GLN A 159 -19.95 5.44 13.99
C GLN A 159 -19.04 5.85 15.15
N GLY A 164 -28.31 3.09 9.15
CA GLY A 164 -27.48 3.13 7.95
C GLY A 164 -27.64 1.90 7.07
N GLY A 165 -27.68 0.72 7.71
CA GLY A 165 -27.76 -0.55 6.99
C GLY A 165 -26.38 -1.12 6.69
N ASP A 166 -26.32 -1.97 5.66
CA ASP A 166 -25.07 -2.65 5.27
C ASP A 166 -24.01 -1.70 4.74
N CYS A 167 -22.76 -2.17 4.72
CA CYS A 167 -21.64 -1.44 4.13
C CYS A 167 -20.71 -2.36 3.36
N ILE A 168 -20.70 -2.22 2.03
CA ILE A 168 -19.73 -2.92 1.19
C ILE A 168 -18.50 -2.04 1.05
N SER A 169 -17.35 -2.60 1.37
CA SER A 169 -16.10 -1.86 1.39
C SER A 169 -15.12 -2.44 0.37
N VAL A 170 -14.39 -1.57 -0.31
CA VAL A 170 -13.43 -2.01 -1.32
C VAL A 170 -12.04 -1.49 -1.00
N GLU A 171 -11.07 -2.39 -0.94
CA GLU A 171 -9.67 -2.01 -0.77
C GLU A 171 -8.93 -2.17 -2.09
N ILE A 172 -8.19 -1.14 -2.47
CA ILE A 172 -7.36 -1.17 -3.68
C ILE A 172 -5.93 -0.75 -3.36
N LYS A 173 -4.97 -1.59 -3.75
CA LYS A 173 -3.54 -1.27 -3.70
C LYS A 173 -3.08 -0.97 -5.14
N PRO A 174 -3.13 0.32 -5.53
CA PRO A 174 -3.00 0.71 -6.94
C PRO A 174 -1.60 0.56 -7.52
N LYS A 175 -0.58 0.60 -6.66
CA LYS A 175 0.84 0.61 -7.04
C LYS A 175 1.21 1.83 -7.90
N CYS A 176 2.32 1.73 -8.63
CA CYS A 176 2.82 2.87 -9.41
C CYS A 176 2.12 3.02 -10.76
N GLY A 177 1.58 4.21 -11.02
CA GLY A 177 0.81 4.48 -12.23
C GLY A 177 1.42 5.47 -13.21
N PHE A 178 2.74 5.62 -13.18
CA PHE A 178 3.45 6.36 -14.22
C PHE A 178 4.68 5.60 -14.67
N LEU A 179 5.27 6.04 -15.79
CA LEU A 179 6.48 5.42 -16.33
C LEU A 179 7.69 6.33 -16.18
N PRO A 180 8.87 5.74 -15.87
CA PRO A 180 10.09 6.54 -15.79
C PRO A 180 10.47 7.07 -17.18
N THR A 181 10.94 8.31 -17.22
CA THR A 181 11.18 9.00 -18.47
C THR A 181 12.67 9.34 -18.56
N SER A 182 13.48 8.56 -17.85
CA SER A 182 14.76 9.04 -17.36
C SER A 182 15.96 9.27 -18.29
N ARG A 183 16.62 10.38 -18.01
CA ARG A 183 17.96 10.69 -18.43
C ARG A 183 18.93 9.59 -17.98
N PHE A 184 18.53 8.83 -16.96
CA PHE A 184 19.43 7.97 -16.19
C PHE A 184 19.17 6.46 -16.32
N ILE A 185 18.23 6.08 -17.17
CA ILE A 185 17.99 4.66 -17.46
C ILE A 185 18.80 4.27 -18.69
N GLY A 186 19.73 3.32 -18.51
CA GLY A 186 20.63 2.87 -19.56
C GLY A 186 19.95 2.30 -20.79
N LYS A 187 20.71 2.18 -21.87
CA LYS A 187 20.23 1.64 -23.14
C LYS A 187 19.64 0.23 -22.97
N GLU A 188 20.31 -0.60 -22.17
CA GLU A 188 19.91 -2.00 -21.97
C GLU A 188 18.65 -2.16 -21.12
N ASN A 189 18.27 -1.12 -20.41
CA ASN A 189 17.05 -1.12 -19.58
C ASN A 189 15.94 -0.22 -20.13
N MET A 190 16.00 0.08 -21.42
CA MET A 190 15.10 1.07 -22.04
C MET A 190 13.63 0.67 -22.13
N LEU A 191 13.35 -0.60 -21.86
CA LEU A 191 12.00 -1.12 -21.87
C LEU A 191 11.22 -0.60 -20.65
N LYS A 192 11.94 -0.07 -19.67
CA LYS A 192 11.36 0.53 -18.45
C LYS A 192 10.59 1.81 -18.73
N THR A 193 10.83 2.37 -19.92
CA THR A 193 10.21 3.60 -20.37
C THR A 193 8.84 3.31 -20.99
N SER A 194 8.63 2.06 -21.42
CA SER A 194 7.41 1.67 -22.16
C SER A 194 6.50 0.74 -21.35
N VAL A 195 7.10 -0.18 -20.60
CA VAL A 195 6.36 -1.17 -19.81
C VAL A 195 6.43 -0.83 -18.32
N SER A 196 5.29 -0.91 -17.64
CA SER A 196 5.17 -0.54 -16.24
C SER A 196 5.98 -1.46 -15.33
N ARG A 197 6.31 -0.96 -14.14
CA ARG A 197 7.01 -1.74 -13.14
C ARG A 197 6.13 -2.91 -12.65
N PHE A 198 4.84 -2.65 -12.50
CA PHE A 198 3.89 -3.66 -12.04
C PHE A 198 3.86 -4.86 -12.99
N LYS A 199 3.69 -4.59 -14.28
CA LYS A 199 3.68 -5.64 -15.31
C LYS A 199 4.97 -6.47 -15.29
N MET A 200 6.11 -5.79 -15.25
CA MET A 200 7.41 -6.45 -15.21
C MET A 200 7.62 -7.29 -13.95
N HIS A 201 7.13 -6.81 -12.82
CA HIS A 201 7.29 -7.49 -11.55
C HIS A 201 6.54 -8.80 -11.51
N GLN A 202 5.40 -8.84 -12.20
CA GLN A 202 4.57 -10.05 -12.28
C GLN A 202 5.37 -11.25 -12.79
N LEU A 203 6.19 -11.03 -13.81
CA LEU A 203 7.03 -12.08 -14.37
C LEU A 203 8.03 -12.66 -13.38
N LEU A 204 8.60 -11.80 -12.54
CA LEU A 204 9.53 -12.23 -11.50
C LEU A 204 8.78 -12.91 -10.37
N LYS A 205 7.64 -12.35 -9.99
CA LYS A 205 6.83 -12.88 -8.91
C LYS A 205 6.43 -14.33 -9.22
N LEU A 206 5.95 -14.55 -10.43
CA LEU A 206 5.52 -15.87 -10.91
C LEU A 206 6.66 -16.88 -10.84
N GLU A 207 7.86 -16.40 -11.16
CA GLU A 207 9.07 -17.22 -11.11
C GLU A 207 9.37 -17.73 -9.71
N TYR A 208 9.16 -16.89 -8.71
CA TYR A 208 9.42 -17.27 -7.32
C TYR A 208 8.18 -17.76 -6.59
N ILE A 209 7.20 -18.20 -7.40
CA ILE A 209 5.95 -18.80 -6.92
C ILE A 209 5.30 -17.94 -5.82
N GLU A 210 5.13 -16.66 -6.13
CA GLU A 210 4.55 -15.70 -5.21
C GLU A 210 3.16 -15.32 -5.68
N ILE A 211 2.85 -15.72 -6.92
CA ILE A 211 1.53 -15.55 -7.52
C ILE A 211 1.22 -16.75 -8.41
N SER A 212 -0.06 -17.06 -8.56
CA SER A 212 -0.48 -18.23 -9.35
C SER A 212 -0.54 -17.92 -10.85
N GLU A 213 -0.93 -16.69 -11.17
CA GLU A 213 -1.05 -16.24 -12.56
C GLU A 213 -0.73 -14.76 -12.67
N GLU A 214 -0.39 -14.33 -13.89
CA GLU A 214 -0.08 -12.93 -14.16
C GLU A 214 -1.33 -12.06 -14.08
N SER A 215 -1.26 -10.99 -13.26
CA SER A 215 -2.37 -10.05 -13.10
C SER A 215 -2.69 -9.36 -14.42
N GLU A 216 -3.98 -9.17 -14.67
CA GLU A 216 -4.45 -8.53 -15.91
C GLU A 216 -4.56 -7.01 -15.72
N TYR A 217 -4.32 -6.59 -14.48
CA TYR A 217 -4.40 -5.19 -14.09
C TYR A 217 -3.15 -4.43 -14.51
N ASP A 218 -3.38 -3.25 -15.11
CA ASP A 218 -2.32 -2.33 -15.52
C ASP A 218 -2.56 -0.97 -14.87
N PRO A 219 -1.76 -0.62 -13.83
CA PRO A 219 -1.96 0.59 -13.03
C PRO A 219 -1.99 1.88 -13.84
N LEU A 220 -1.52 1.82 -15.09
CA LEU A 220 -1.55 2.99 -15.97
C LEU A 220 -2.98 3.34 -16.42
N ASP A 221 -3.86 2.34 -16.37
CA ASP A 221 -5.27 2.52 -16.74
C ASP A 221 -6.07 3.18 -15.62
N LEU A 222 -5.83 2.73 -14.39
CA LEU A 222 -6.52 3.26 -13.21
C LEU A 222 -6.20 4.74 -12.99
N PHE A 223 -4.94 5.11 -13.18
CA PHE A 223 -4.49 6.50 -12.98
C PHE A 223 -4.71 7.39 -14.19
N SER A 224 -5.19 6.81 -15.29
CA SER A 224 -5.26 7.51 -16.58
C SER A 224 -6.24 8.70 -16.61
N GLY A 225 -7.12 8.77 -15.62
CA GLY A 225 -8.14 9.82 -15.57
C GLY A 225 -9.20 9.66 -16.63
N SER A 226 -9.20 8.51 -17.31
CA SER A 226 -10.13 8.20 -18.38
C SER A 226 -11.17 7.18 -17.92
N LYS A 227 -12.44 7.52 -18.05
CA LYS A 227 -13.55 6.69 -17.60
C LYS A 227 -13.47 5.23 -18.04
N GLU A 228 -13.31 4.99 -19.34
CA GLU A 228 -13.32 3.63 -19.89
C GLU A 228 -12.12 2.80 -19.44
N ARG A 229 -10.99 3.49 -19.23
CA ARG A 229 -9.77 2.85 -18.78
C ARG A 229 -9.81 2.48 -17.29
N VAL A 230 -10.45 3.31 -16.47
CA VAL A 230 -10.63 3.02 -15.05
C VAL A 230 -11.52 1.78 -14.88
N LEU A 231 -12.61 1.72 -15.63
CA LEU A 231 -13.51 0.56 -15.60
C LEU A 231 -12.79 -0.72 -16.03
N GLU A 232 -11.95 -0.60 -17.05
CA GLU A 232 -11.15 -1.71 -17.53
C GLU A 232 -10.22 -2.21 -16.43
N ALA A 233 -9.64 -1.27 -15.69
CA ALA A 233 -8.74 -1.58 -14.58
C ALA A 233 -9.48 -2.25 -13.42
N ILE A 234 -10.68 -1.76 -13.10
CA ILE A 234 -11.47 -2.34 -12.01
C ILE A 234 -11.87 -3.78 -12.31
N LYS A 235 -12.25 -4.05 -13.56
CA LYS A 235 -12.62 -5.39 -14.01
C LYS A 235 -11.45 -6.36 -13.91
N ALA A 236 -10.27 -5.87 -14.26
CA ALA A 236 -9.03 -6.65 -14.17
C ALA A 236 -8.70 -6.98 -12.72
N LEU A 237 -8.95 -6.03 -11.82
CA LEU A 237 -8.77 -6.24 -10.38
C LEU A 237 -9.75 -7.28 -9.80
N TYR A 238 -10.92 -7.42 -10.44
CA TYR A 238 -11.87 -8.48 -10.08
C TYR A 238 -11.37 -9.83 -10.57
N SER A 239 -10.90 -9.86 -11.83
CA SER A 239 -10.47 -11.10 -12.48
C SER A 239 -9.23 -11.70 -11.84
N THR A 240 -8.31 -10.84 -11.42
CA THR A 240 -7.11 -11.26 -10.68
C THR A 240 -6.82 -10.29 -9.54
N PRO A 241 -7.49 -10.49 -8.39
CA PRO A 241 -7.37 -9.59 -7.24
C PRO A 241 -5.96 -9.54 -6.65
N GLN A 242 -5.31 -10.71 -6.57
CA GLN A 242 -4.01 -10.85 -5.92
C GLN A 242 -3.97 -10.07 -4.60
N ASN A 243 -2.98 -9.20 -4.43
CA ASN A 243 -2.88 -8.38 -3.22
C ASN A 243 -3.29 -6.92 -3.46
N ASN A 244 -4.02 -6.69 -4.55
CA ASN A 244 -4.34 -5.33 -5.04
C ASN A 244 -5.82 -4.97 -4.96
N PHE A 245 -6.67 -5.97 -4.76
CA PHE A 245 -8.12 -5.76 -4.71
C PHE A 245 -8.81 -6.65 -3.68
N ARG A 246 -9.47 -6.00 -2.72
CA ARG A 246 -10.26 -6.69 -1.69
C ARG A 246 -11.64 -6.07 -1.56
N VAL A 247 -12.60 -6.86 -1.11
CA VAL A 247 -13.96 -6.40 -0.87
C VAL A 247 -14.43 -6.97 0.48
N PHE A 248 -15.14 -6.14 1.25
CA PHE A 248 -15.65 -6.53 2.57
C PHE A 248 -17.14 -6.27 2.69
N LEU A 249 -17.87 -7.26 3.23
CA LEU A 249 -19.24 -7.04 3.68
C LEU A 249 -19.19 -6.85 5.19
N ASN A 250 -19.51 -5.63 5.62
CA ASN A 250 -19.53 -5.25 7.05
C ASN A 250 -18.31 -5.72 7.85
N GLY A 251 -17.12 -5.54 7.27
CA GLY A 251 -15.87 -5.94 7.93
C GLY A 251 -15.39 -7.32 7.56
N SER A 252 -16.26 -8.11 6.96
CA SER A 252 -15.97 -9.51 6.62
C SER A 252 -15.52 -9.66 5.16
N LEU A 253 -14.34 -10.25 4.97
CA LEU A 253 -13.72 -10.41 3.66
C LEU A 253 -14.54 -11.32 2.73
N ILE A 254 -15.01 -10.74 1.62
CA ILE A 254 -15.79 -11.49 0.62
C ILE A 254 -15.11 -11.61 -0.76
N LEU A 255 -14.00 -10.89 -0.93
CA LEU A 255 -13.16 -11.06 -2.12
C LEU A 255 -11.74 -10.60 -1.82
N GLY A 256 -10.76 -11.32 -2.37
CA GLY A 256 -9.34 -11.01 -2.16
C GLY A 256 -8.68 -11.94 -1.17
N GLY A 257 -7.37 -11.76 -0.99
CA GLY A 257 -6.59 -12.57 -0.05
C GLY A 257 -6.68 -12.10 1.38
N SER A 258 -6.44 -13.03 2.30
CA SER A 258 -6.44 -12.74 3.73
C SER A 258 -4.99 -12.58 4.22
N GLY A 259 -4.47 -11.36 4.13
CA GLY A 259 -3.10 -11.04 4.55
C GLY A 259 -2.02 -11.43 3.56
N GLU A 260 -2.42 -11.64 2.30
CA GLU A 260 -1.52 -12.09 1.24
C GLU A 260 -2.19 -11.92 -0.11
N SER A 261 -1.45 -12.21 -1.18
CA SER A 261 -2.00 -12.27 -2.53
C SER A 261 -2.92 -13.47 -2.72
N THR A 262 -3.94 -13.33 -3.58
CA THR A 262 -4.85 -14.44 -3.90
C THR A 262 -4.88 -14.78 -5.40
N GLY A 263 -5.13 -16.06 -5.70
CA GLY A 263 -5.22 -16.53 -7.08
C GLY A 263 -6.45 -16.03 -7.80
N ARG A 264 -6.50 -16.28 -9.11
CA ARG A 264 -7.59 -15.86 -9.99
C ARG A 264 -8.98 -16.15 -9.41
N THR A 265 -9.90 -15.20 -9.59
CA THR A 265 -11.31 -15.39 -9.27
C THR A 265 -11.89 -16.45 -10.20
N SER A 266 -12.09 -17.66 -9.67
CA SER A 266 -12.63 -18.77 -10.43
C SER A 266 -14.15 -18.62 -10.59
N PRO A 267 -14.77 -19.47 -11.45
CA PRO A 267 -16.24 -19.47 -11.53
C PRO A 267 -16.92 -19.53 -10.15
N GLU A 268 -16.36 -20.32 -9.24
CA GLU A 268 -16.93 -20.56 -7.90
C GLU A 268 -16.87 -19.33 -7.02
N ILE A 269 -15.68 -18.71 -6.92
CA ILE A 269 -15.50 -17.45 -6.19
C ILE A 269 -16.49 -16.41 -6.72
N GLY A 270 -16.76 -16.45 -8.02
CA GLY A 270 -17.70 -15.56 -8.68
C GLY A 270 -19.14 -15.73 -8.23
N TYR A 271 -19.58 -16.99 -8.11
CA TYR A 271 -20.94 -17.30 -7.65
C TYR A 271 -21.19 -16.80 -6.24
N ALA A 272 -20.21 -17.01 -5.35
CA ALA A 272 -20.31 -16.61 -3.96
C ALA A 272 -20.37 -15.10 -3.79
N PHE A 273 -19.55 -14.39 -4.57
CA PHE A 273 -19.49 -12.93 -4.52
C PHE A 273 -20.74 -12.29 -5.12
N GLU A 274 -21.26 -12.90 -6.18
CA GLU A 274 -22.51 -12.47 -6.81
C GLU A 274 -23.65 -12.55 -5.81
N ASP A 275 -23.67 -13.64 -5.03
CA ASP A 275 -24.69 -13.88 -4.03
C ASP A 275 -24.52 -12.98 -2.81
N ALA A 276 -23.26 -12.76 -2.40
CA ALA A 276 -22.94 -11.87 -1.29
C ALA A 276 -23.41 -10.44 -1.55
N LEU A 277 -23.62 -10.12 -2.82
CA LEU A 277 -24.04 -8.79 -3.27
C LEU A 277 -25.56 -8.57 -3.18
N LYS A 278 -26.31 -9.63 -2.87
CA LYS A 278 -27.78 -9.55 -2.82
C LYS A 278 -28.24 -8.64 -1.69
N GLY A 279 -29.26 -7.83 -1.97
CA GLY A 279 -29.73 -6.83 -1.02
C GLY A 279 -29.09 -5.48 -1.32
N PHE A 280 -27.76 -5.45 -1.27
CA PHE A 280 -26.99 -4.24 -1.53
C PHE A 280 -27.17 -3.73 -2.96
N ILE A 281 -26.77 -4.53 -3.93
CA ILE A 281 -27.02 -4.21 -5.34
C ILE A 281 -28.36 -4.82 -5.77
N GLN A 282 -29.27 -3.97 -6.21
CA GLN A 282 -30.60 -4.40 -6.64
C GLN A 282 -30.61 -4.73 -8.13
N SER A 283 -29.97 -5.85 -8.47
CA SER A 283 -29.97 -6.36 -9.84
C SER A 283 -30.34 -7.84 -9.89
N GLU A 284 -30.87 -8.27 -11.02
CA GLU A 284 -31.24 -9.66 -11.27
C GLU A 284 -30.00 -10.56 -11.20
N ASP A 285 -30.21 -11.85 -10.89
CA ASP A 285 -29.11 -12.80 -10.72
C ASP A 285 -28.12 -12.83 -11.89
N GLY A 286 -26.83 -12.91 -11.55
CA GLY A 286 -25.76 -12.97 -12.54
C GLY A 286 -25.42 -11.63 -13.18
N HIS A 287 -25.85 -10.54 -12.56
CA HIS A 287 -25.57 -9.20 -13.06
C HIS A 287 -25.17 -8.23 -11.99
N ARG A 288 -25.27 -8.66 -10.73
CA ARG A 288 -24.92 -7.81 -9.60
C ARG A 288 -23.43 -7.46 -9.58
N THR A 289 -22.61 -8.38 -10.09
CA THR A 289 -21.16 -8.22 -10.15
C THR A 289 -20.74 -7.12 -11.12
N GLU A 290 -21.15 -7.24 -12.39
CA GLU A 290 -20.85 -6.22 -13.41
C GLU A 290 -21.40 -4.84 -13.03
N CYS A 291 -22.47 -4.82 -12.23
CA CYS A 291 -23.02 -3.58 -11.69
C CYS A 291 -22.16 -3.01 -10.57
N PHE A 292 -21.61 -3.90 -9.75
CA PHE A 292 -20.78 -3.51 -8.61
C PHE A 292 -19.46 -2.93 -9.08
N LEU A 293 -18.92 -3.51 -10.15
CA LEU A 293 -17.65 -3.07 -10.72
C LEU A 293 -17.83 -1.76 -11.44
N GLN A 294 -19.06 -1.49 -11.87
CA GLN A 294 -19.43 -0.20 -12.43
C GLN A 294 -19.46 0.87 -11.33
N LEU A 295 -19.97 0.48 -10.16
CA LEU A 295 -20.04 1.36 -8.99
C LEU A 295 -18.65 1.74 -8.45
N VAL A 296 -17.76 0.76 -8.33
CA VAL A 296 -16.39 1.02 -7.87
C VAL A 296 -15.67 1.93 -8.85
N SER A 297 -15.85 1.65 -10.15
CA SER A 297 -15.24 2.46 -11.20
C SER A 297 -15.72 3.91 -11.15
N ASP A 298 -17.03 4.11 -11.02
CA ASP A 298 -17.63 5.44 -10.91
C ASP A 298 -17.12 6.22 -9.70
N ALA A 299 -16.97 5.52 -8.57
CA ALA A 299 -16.50 6.14 -7.33
C ALA A 299 -15.04 6.58 -7.44
N VAL A 300 -14.19 5.70 -7.95
CA VAL A 300 -12.77 6.01 -8.19
C VAL A 300 -12.63 7.15 -9.20
N TYR A 301 -13.25 6.98 -10.38
CA TYR A 301 -13.16 7.97 -11.44
C TYR A 301 -13.72 9.33 -11.02
N GLY A 302 -14.92 9.32 -10.42
CA GLY A 302 -15.61 10.55 -10.03
C GLY A 302 -14.93 11.37 -8.97
N SER A 303 -14.34 10.71 -7.98
CA SER A 303 -13.69 11.39 -6.85
C SER A 303 -12.34 11.97 -7.22
N GLY A 304 -11.68 11.36 -8.20
CA GLY A 304 -10.33 11.74 -8.62
C GLY A 304 -9.30 11.68 -7.51
N VAL A 305 -9.57 10.86 -6.50
CA VAL A 305 -8.71 10.73 -5.34
C VAL A 305 -7.32 10.21 -5.72
N LEU A 306 -7.25 9.51 -6.85
CA LEU A 306 -6.02 8.95 -7.38
C LEU A 306 -5.08 10.00 -7.96
N ASP A 307 -5.65 11.08 -8.50
CA ASP A 307 -4.88 12.14 -9.16
C ASP A 307 -3.79 12.73 -8.27
N ARG A 308 -4.15 13.00 -7.01
CA ARG A 308 -3.25 13.66 -6.08
C ARG A 308 -2.20 12.70 -5.52
N LEU A 309 -2.52 11.40 -5.56
CA LEU A 309 -1.58 10.37 -5.15
C LEU A 309 -0.51 10.16 -6.23
N LEU A 310 -0.93 10.25 -7.48
CA LEU A 310 -0.01 10.19 -8.62
C LEU A 310 1.01 11.33 -8.55
N GLU A 311 0.56 12.52 -8.11
CA GLU A 311 1.45 13.67 -7.91
C GLU A 311 2.53 13.38 -6.86
N ILE A 312 2.21 12.54 -5.88
CA ILE A 312 3.18 12.14 -4.86
C ILE A 312 4.09 11.01 -5.35
N GLN A 313 3.54 10.09 -6.13
CA GLN A 313 4.36 9.02 -6.73
C GLN A 313 5.40 9.60 -7.67
N LYS A 314 5.04 10.70 -8.34
CA LYS A 314 5.91 11.36 -9.31
C LYS A 314 7.07 12.12 -8.68
N LEU A 315 7.12 12.16 -7.35
CA LEU A 315 8.25 12.70 -6.60
C LEU A 315 9.53 11.88 -6.81
N ASP A 316 9.35 10.68 -7.39
CA ASP A 316 10.45 9.88 -7.92
C ASP A 316 10.71 10.33 -9.36
N LYS A 317 11.49 11.38 -9.50
CA LYS A 317 11.65 12.09 -10.78
C LYS A 317 12.73 11.49 -11.68
N LEU A 318 13.69 10.79 -11.06
CA LEU A 318 14.87 10.31 -11.75
C LEU A 318 14.99 8.79 -11.79
N ASP A 319 14.03 8.11 -11.17
CA ASP A 319 14.04 6.65 -11.00
C ASP A 319 15.15 6.21 -10.05
N ILE A 320 15.03 4.99 -9.53
CA ILE A 320 16.04 4.42 -8.65
C ILE A 320 17.43 4.37 -9.29
N GLU A 321 17.48 4.27 -10.62
CA GLU A 321 18.76 4.27 -11.34
C GLU A 321 19.42 5.63 -11.36
N GLY A 322 18.62 6.67 -11.10
CA GLY A 322 19.16 8.01 -10.90
C GLY A 322 19.39 8.29 -9.43
N ALA A 323 18.37 8.03 -8.62
CA ALA A 323 18.38 8.39 -7.19
C ALA A 323 19.45 7.65 -6.41
N ILE A 324 19.79 6.44 -6.84
CA ILE A 324 20.77 5.61 -6.14
C ILE A 324 22.11 6.35 -5.98
N HIS A 325 22.50 7.11 -6.99
CA HIS A 325 23.77 7.85 -6.97
C HIS A 325 23.75 8.93 -5.91
N CYS A 326 22.60 9.57 -5.73
CA CYS A 326 22.41 10.59 -4.70
C CYS A 326 22.44 9.99 -3.28
N TYR A 327 21.95 8.76 -3.14
CA TYR A 327 21.97 8.05 -1.86
C TYR A 327 23.39 7.82 -1.33
N TYR A 328 24.31 7.46 -2.23
CA TYR A 328 25.71 7.28 -1.86
C TYR A 328 26.41 8.60 -1.56
N ASP A 329 25.89 9.68 -2.12
CA ASP A 329 26.38 11.03 -1.82
C ASP A 329 25.90 11.48 -0.44
N ILE A 330 24.71 11.03 -0.06
CA ILE A 330 24.10 11.37 1.22
C ILE A 330 24.79 10.67 2.39
N ILE A 331 25.16 9.40 2.18
CA ILE A 331 25.78 8.60 3.24
C ILE A 331 27.30 8.72 3.24
N ASN A 332 27.83 9.66 2.45
CA ASN A 332 29.27 9.90 2.32
C ASN A 332 30.11 8.70 1.88
N GLN A 333 29.48 7.76 1.20
CA GLN A 333 30.16 6.55 0.75
C GLN A 333 30.50 6.65 -0.73
N PRO A 334 31.71 6.21 -1.12
CA PRO A 334 32.07 6.09 -2.54
C PRO A 334 31.02 5.27 -3.30
N CYS A 335 30.62 5.76 -4.47
CA CYS A 335 29.56 5.15 -5.26
C CYS A 335 30.03 3.88 -5.98
N PRO A 336 29.39 2.73 -5.68
CA PRO A 336 29.69 1.45 -6.31
C PRO A 336 29.27 1.45 -7.78
N ILE A 337 28.03 1.87 -8.04
CA ILE A 337 27.44 1.89 -9.38
C ILE A 337 28.36 2.59 -10.40
N CYS A 338 28.92 3.73 -10.01
CA CYS A 338 29.81 4.50 -10.87
C CYS A 338 31.18 3.84 -11.07
N ARG A 339 31.86 3.54 -9.95
CA ARG A 339 33.24 3.04 -10.02
C ARG A 339 33.40 1.56 -10.35
N GLU A 340 32.35 0.78 -10.15
CA GLU A 340 32.36 -0.64 -10.53
C GLU A 340 31.73 -0.90 -11.92
N GLY A 341 31.38 0.18 -12.60
CA GLY A 341 30.91 0.12 -13.98
C GLY A 341 31.90 0.78 -14.92
N ARG A 342 31.52 0.89 -16.19
CA ARG A 342 32.34 1.55 -17.22
C ARG A 342 32.55 3.02 -16.84
N PRO A 343 33.82 3.48 -16.82
CA PRO A 343 34.15 4.81 -16.29
C PRO A 343 33.55 5.96 -17.11
N LEU A 344 33.42 5.75 -18.42
CA LEU A 344 32.95 6.79 -19.34
C LEU A 344 31.43 6.96 -19.26
N GLU A 345 30.78 6.07 -18.51
CA GLU A 345 29.33 6.09 -18.33
C GLU A 345 28.93 6.49 -16.91
N ALA A 346 29.90 6.99 -16.16
CA ALA A 346 29.69 7.44 -14.78
C ALA A 346 28.80 8.68 -14.75
N GLU A 347 27.80 8.65 -13.86
CA GLU A 347 26.84 9.75 -13.74
C GLU A 347 27.44 10.95 -13.00
N LEU A 348 28.33 11.67 -13.70
CA LEU A 348 28.98 12.87 -13.19
C LEU A 348 27.95 13.95 -12.88
N SER A 349 26.97 14.08 -13.78
CA SER A 349 25.81 14.95 -13.63
C SER A 349 25.29 14.99 -12.19
N LEU A 350 24.94 13.82 -11.66
CA LEU A 350 24.31 13.70 -10.35
C LEU A 350 25.24 13.99 -9.18
N HIS A 351 26.47 13.49 -9.27
CA HIS A 351 27.44 13.65 -8.19
C HIS A 351 27.95 15.07 -8.05
N ALA A 352 27.77 15.87 -9.10
CA ALA A 352 28.15 17.28 -9.09
C ALA A 352 27.16 18.13 -8.30
N LEU A 353 26.10 17.50 -7.82
CA LEU A 353 25.01 18.18 -7.12
C LEU A 353 25.34 18.44 -5.65
N PRO A 354 24.94 19.62 -5.12
CA PRO A 354 25.17 20.02 -3.74
C PRO A 354 24.41 19.12 -2.77
N LEU A 355 24.92 18.96 -1.55
CA LEU A 355 24.29 18.10 -0.54
C LEU A 355 22.78 18.32 -0.42
N ASP A 356 22.37 19.58 -0.25
CA ASP A 356 20.96 19.94 -0.11
C ASP A 356 20.10 19.36 -1.23
N GLU A 357 20.63 19.41 -2.45
CA GLU A 357 19.96 18.86 -3.62
C GLU A 357 19.90 17.32 -3.55
N SER A 358 21.03 16.71 -3.19
CA SER A 358 21.12 15.25 -3.04
C SER A 358 20.12 14.75 -1.99
N LEU A 359 20.06 15.44 -0.86
CA LEU A 359 19.12 15.12 0.21
C LEU A 359 17.68 15.25 -0.25
N LYS A 360 17.40 16.26 -1.06
CA LYS A 360 16.06 16.53 -1.57
C LYS A 360 15.54 15.39 -2.43
N ILE A 361 16.36 14.93 -3.37
CA ILE A 361 15.99 13.87 -4.30
C ILE A 361 15.64 12.59 -3.55
N VAL A 362 16.55 12.15 -2.67
CA VAL A 362 16.40 10.90 -1.94
C VAL A 362 15.20 10.96 -0.99
N LYS A 363 15.00 12.12 -0.35
CA LYS A 363 13.84 12.33 0.53
C LYS A 363 12.54 12.24 -0.27
N GLU A 364 12.50 12.93 -1.41
CA GLU A 364 11.32 12.90 -2.27
C GLU A 364 11.09 11.51 -2.83
N TYR A 365 12.17 10.75 -3.05
CA TYR A 365 12.08 9.38 -3.50
C TYR A 365 11.42 8.49 -2.46
N LEU A 366 11.76 8.72 -1.19
CA LEU A 366 11.23 7.91 -0.09
C LEU A 366 9.76 8.23 0.21
N ILE A 367 9.38 9.48 -0.02
CA ILE A 367 7.98 9.89 0.09
C ILE A 367 7.17 9.25 -1.04
N ALA A 368 7.76 9.19 -2.23
CA ALA A 368 7.11 8.58 -3.38
C ALA A 368 6.86 7.09 -3.14
N ALA A 369 7.84 6.42 -2.55
CA ALA A 369 7.74 4.99 -2.23
C ALA A 369 6.56 4.70 -1.31
N THR A 370 6.32 5.61 -0.35
CA THR A 370 5.16 5.53 0.54
C THR A 370 3.87 5.57 -0.26
N ALA A 371 3.81 6.48 -1.23
CA ALA A 371 2.63 6.65 -2.08
C ALA A 371 2.44 5.48 -3.05
N LYS A 372 3.56 4.91 -3.52
CA LYS A 372 3.53 3.78 -4.44
C LYS A 372 3.04 2.52 -3.75
N ASP A 373 3.12 2.50 -2.42
CA ASP A 373 2.79 1.31 -1.64
C ASP A 373 1.56 1.41 -0.73
N CYS A 374 0.90 2.57 -0.72
CA CYS A 374 -0.31 2.74 0.07
C CYS A 374 -1.52 2.07 -0.56
N SER A 375 -2.63 2.07 0.16
CA SER A 375 -3.90 1.55 -0.35
C SER A 375 -5.03 2.57 -0.21
N ILE A 376 -6.17 2.23 -0.79
CA ILE A 376 -7.36 3.09 -0.79
C ILE A 376 -8.57 2.22 -0.43
N MET A 377 -9.36 2.68 0.53
CA MET A 377 -10.57 1.99 0.92
C MET A 377 -11.82 2.82 0.65
N ILE A 378 -12.67 2.32 -0.24
CA ILE A 378 -13.93 3.00 -0.54
C ILE A 378 -15.09 2.31 0.16
N SER A 379 -15.75 3.04 1.05
CA SER A 379 -16.90 2.53 1.80
C SER A 379 -18.19 2.94 1.12
N PHE A 380 -19.04 1.97 0.81
CA PHE A 380 -20.31 2.22 0.13
C PHE A 380 -21.50 1.99 1.06
N GLN A 381 -22.56 2.77 0.86
CA GLN A 381 -23.80 2.62 1.62
C GLN A 381 -25.01 3.06 0.78
N SER A 382 -26.03 2.21 0.77
CA SER A 382 -27.27 2.46 0.04
C SER A 382 -27.95 3.77 0.46
N GLY A 392 -22.91 14.51 -0.36
CA GLY A 392 -21.78 15.13 -1.05
C GLY A 392 -21.17 14.21 -2.09
N ASP A 393 -20.42 13.22 -1.64
CA ASP A 393 -19.84 12.21 -2.52
C ASP A 393 -20.81 11.06 -2.69
N TYR A 394 -21.32 10.89 -3.91
CA TYR A 394 -22.31 9.85 -4.20
C TYR A 394 -22.27 9.39 -5.66
N VAL A 395 -22.75 8.17 -5.89
CA VAL A 395 -22.87 7.61 -7.23
C VAL A 395 -24.33 7.21 -7.52
N SER A 396 -24.77 7.47 -8.75
CA SER A 396 -26.08 7.00 -9.22
C SER A 396 -25.89 5.90 -10.27
N LEU A 397 -26.16 4.66 -9.88
CA LEU A 397 -26.08 3.53 -10.79
C LEU A 397 -27.34 3.39 -11.63
N LYS A 398 -27.24 3.77 -12.90
CA LYS A 398 -28.37 3.69 -13.84
C LYS A 398 -28.91 2.26 -14.01
N PRO A 399 -28.02 1.24 -14.10
CA PRO A 399 -28.49 -0.14 -14.31
C PRO A 399 -29.28 -0.75 -13.14
N THR A 400 -29.12 -0.23 -11.93
CA THR A 400 -29.87 -0.74 -10.77
C THR A 400 -30.91 0.25 -10.24
N ASN A 401 -30.79 1.52 -10.64
CA ASN A 401 -31.66 2.60 -10.18
C ASN A 401 -31.48 2.87 -8.67
N GLN A 402 -30.21 2.88 -8.25
CA GLN A 402 -29.86 3.09 -6.85
C GLN A 402 -28.92 4.26 -6.66
N THR A 403 -28.80 4.70 -5.40
CA THR A 403 -27.90 5.77 -5.01
C THR A 403 -27.01 5.28 -3.87
N PHE A 404 -25.72 5.54 -3.98
CA PHE A 404 -24.77 5.10 -2.96
C PHE A 404 -23.92 6.25 -2.45
N ASP A 405 -23.96 6.47 -1.15
CA ASP A 405 -23.01 7.35 -0.49
C ASP A 405 -21.68 6.61 -0.43
N TYR A 406 -20.58 7.34 -0.53
CA TYR A 406 -19.25 6.73 -0.38
C TYR A 406 -18.24 7.63 0.32
N LYS A 407 -17.31 6.98 1.02
CA LYS A 407 -16.17 7.66 1.63
C LYS A 407 -14.90 7.01 1.15
N VAL A 408 -13.87 7.82 0.92
CA VAL A 408 -12.56 7.31 0.53
C VAL A 408 -11.56 7.62 1.63
N HIS A 409 -10.76 6.63 1.99
CA HIS A 409 -9.67 6.83 2.94
C HIS A 409 -8.41 6.21 2.44
N PHE A 410 -7.29 6.91 2.59
CA PHE A 410 -5.99 6.32 2.34
C PHE A 410 -5.57 5.55 3.58
N ILE A 411 -4.93 4.40 3.37
CA ILE A 411 -4.33 3.63 4.46
C ILE A 411 -2.91 3.21 4.09
N ASP A 412 -2.19 2.66 5.06
CA ASP A 412 -0.86 2.09 4.83
C ASP A 412 0.14 3.15 4.32
N LEU A 413 0.24 4.25 5.06
CA LEU A 413 1.15 5.32 4.72
C LEU A 413 2.40 5.27 5.61
N SER A 414 3.21 4.22 5.42
CA SER A 414 4.39 3.96 6.23
C SER A 414 5.61 4.77 5.78
N LEU A 415 6.55 4.99 6.70
CA LEU A 415 7.84 5.58 6.38
C LEU A 415 8.84 4.49 5.97
N LYS A 416 9.38 4.61 4.76
CA LYS A 416 10.36 3.65 4.25
C LYS A 416 11.76 4.01 4.76
N PRO A 417 12.49 3.03 5.32
CA PRO A 417 13.85 3.27 5.80
C PRO A 417 14.82 3.70 4.69
N LEU A 418 15.77 4.57 5.03
CA LEU A 418 16.74 5.09 4.07
C LEU A 418 17.67 3.99 3.55
N LYS A 419 18.09 3.11 4.45
CA LYS A 419 18.91 1.95 4.13
C LYS A 419 18.35 1.13 2.95
N ARG A 420 17.03 1.22 2.76
CA ARG A 420 16.31 0.42 1.77
C ARG A 420 16.53 0.86 0.31
N MET A 421 17.26 1.95 0.11
CA MET A 421 17.65 2.40 -1.23
C MET A 421 18.52 1.37 -1.94
N GLU A 422 19.42 0.75 -1.18
CA GLU A 422 20.30 -0.28 -1.70
C GLU A 422 19.54 -1.52 -2.16
N SER A 423 18.54 -1.94 -1.40
CA SER A 423 17.71 -3.07 -1.79
C SER A 423 16.71 -2.69 -2.90
N TYR A 424 16.36 -1.40 -2.99
CA TYR A 424 15.54 -0.89 -4.09
C TYR A 424 16.24 -1.03 -5.44
N TYR A 425 17.53 -0.71 -5.48
CA TYR A 425 18.32 -0.80 -6.70
C TYR A 425 18.53 -2.25 -7.15
N LYS A 426 18.80 -3.13 -6.18
CA LYS A 426 18.99 -4.55 -6.43
C LYS A 426 17.71 -5.17 -6.99
N LEU A 427 16.58 -4.86 -6.37
CA LEU A 427 15.30 -5.39 -6.80
C LEU A 427 14.94 -4.91 -8.20
N ASP A 428 15.19 -3.63 -8.47
CA ASP A 428 14.94 -3.05 -9.78
C ASP A 428 15.83 -3.72 -10.83
N LYS A 429 17.11 -3.87 -10.52
CA LYS A 429 18.07 -4.54 -11.41
C LYS A 429 17.69 -6.00 -11.67
N LYS A 430 17.04 -6.62 -10.68
CA LYS A 430 16.61 -8.01 -10.82
C LYS A 430 15.37 -8.11 -11.71
N ILE A 431 14.46 -7.17 -11.56
CA ILE A 431 13.20 -7.17 -12.30
C ILE A 431 13.42 -6.93 -13.79
N ILE A 432 14.17 -5.88 -14.12
CA ILE A 432 14.38 -5.46 -15.50
C ILE A 432 15.19 -6.48 -16.31
N SER A 433 16.29 -6.97 -15.75
CA SER A 433 17.14 -7.93 -16.45
C SER A 433 16.44 -9.28 -16.67
N PHE A 434 15.57 -9.67 -15.73
CA PHE A 434 14.76 -10.88 -15.90
C PHE A 434 13.68 -10.68 -16.97
N TYR A 435 13.12 -9.47 -17.02
CA TYR A 435 12.14 -9.10 -18.05
C TYR A 435 12.81 -9.08 -19.42
N ASN A 436 14.02 -8.51 -19.47
CA ASN A 436 14.81 -8.44 -20.70
C ASN A 436 15.08 -9.81 -21.29
N ARG A 437 15.70 -10.70 -20.49
CA ARG A 437 16.09 -12.01 -20.98
C ARG A 437 14.91 -12.94 -21.27
N LYS A 438 13.74 -12.61 -20.72
CA LYS A 438 12.50 -13.30 -21.08
C LYS A 438 12.01 -12.83 -22.46
N GLN A 439 12.27 -11.57 -22.79
CA GLN A 439 11.93 -11.02 -24.11
C GLN A 439 12.84 -11.59 -25.21
N LYS A 440 13.96 -12.17 -24.80
CA LYS A 440 14.85 -12.91 -25.71
C LYS A 440 14.31 -14.31 -26.00
N ALA A 441 12.98 -14.45 -25.99
CA ALA A 441 12.34 -15.73 -26.26
C ALA A 441 11.01 -15.54 -27.01
#